data_9NC2
#
_entry.id   9NC2
#
_cell.length_a   52.006
_cell.length_b   57.963
_cell.length_c   61.562
_cell.angle_alpha   70.36
_cell.angle_beta   66.43
_cell.angle_gamma   68.57
#
_symmetry.space_group_name_H-M   'P 1'
#
loop_
_entity.id
_entity.type
_entity.pdbx_description
1 polymer 'Mitogen-activated protein kinase kinase kinase kinase 1'
2 non-polymer N-{2-(3,3-difluoropyrrolidin-1-yl)-6-[(3R)-pyrrolidin-3-yl]pyrimidin-4-yl}-1-(propan-2-yl)-1H-pyrazolo[4,3-c]pyridin-6-amine
3 non-polymer 1,2-ETHANEDIOL
4 non-polymer '2-(N-MORPHOLINO)-ETHANESULFONIC ACID'
5 non-polymer 'SODIUM ION'
6 water water
#
_entity_poly.entity_id   1
_entity_poly.type   'polypeptide(L)'
_entity_poly.pdbx_seq_one_letter_code
;MHHHHHHGENLYFQGSDVVDPDIFNRDPRDHYDLLQRLGGGTYGEVFKARDKVSGDLVALKMVKMEPDDDVSTLQKEILI
LKTCRHANIVAYHGSYLWLQKLWICMEFCGAGSLQDIYQVTGSLSELQISYVCREVLQGLAYLHSQKKIHRDIKGANILI
NDAGEVRLADFGISAQIGAELARRLEFIGTPYWMAPEVAAVALKGGYNELCDIWSLGITAIELAELQPPLFDVHPLRVLF
LMTKSGYQPPRLKEKGKWSAAFHNFIKVTLTKSPKKRPSATKMLSHQLVSQPGLNRGLILDLLDKLKNGNS
;
_entity_poly.pdbx_strand_id   A,B
#
loop_
_chem_comp.id
_chem_comp.type
_chem_comp.name
_chem_comp.formula
EDO non-polymer 1,2-ETHANEDIOL 'C2 H6 O2'
F97 non-polymer N-{2-(3,3-difluoropyrrolidin-1-yl)-6-[(3R)-pyrrolidin-3-yl]pyrimidin-4-yl}-1-(propan-2-yl)-1H-pyrazolo[4,3-c]pyridin-6-amine 'C21 H26 F2 N8'
MES non-polymer '2-(N-MORPHOLINO)-ETHANESULFONIC ACID' 'C6 H13 N O4 S'
NA non-polymer 'SODIUM ION' 'Na 1'
#
# COMPACT_ATOMS: atom_id res chain seq x y z
N VAL A 18 20.30 11.71 7.36
CA VAL A 18 20.98 11.08 8.48
C VAL A 18 20.25 9.80 8.87
N VAL A 19 21.03 8.74 9.14
CA VAL A 19 20.43 7.42 9.33
C VAL A 19 19.70 7.34 10.66
N ASP A 20 20.29 7.88 11.73
CA ASP A 20 19.70 7.80 13.05
C ASP A 20 20.32 8.91 13.88
N PRO A 21 19.56 9.58 14.76
CA PRO A 21 20.14 10.70 15.50
C PRO A 21 21.13 10.30 16.56
N ASP A 22 21.24 9.02 16.91
CA ASP A 22 22.15 8.60 17.97
C ASP A 22 23.29 7.71 17.48
N ILE A 23 23.52 7.69 16.16
CA ILE A 23 24.65 6.96 15.60
C ILE A 23 25.95 7.37 16.27
N PHE A 24 26.84 6.39 16.47
CA PHE A 24 28.22 6.65 16.90
C PHE A 24 29.06 6.93 15.66
N ASN A 25 29.61 8.13 15.55
CA ASN A 25 30.44 8.49 14.41
C ASN A 25 31.89 8.14 14.72
N ARG A 26 32.14 6.84 14.84
CA ARG A 26 33.44 6.34 15.20
C ARG A 26 33.62 4.94 14.65
N ASP A 27 34.86 4.50 14.64
CA ASP A 27 35.22 3.19 14.14
C ASP A 27 34.75 2.12 15.12
N PRO A 28 33.91 1.16 14.71
CA PRO A 28 33.53 0.10 15.65
C PRO A 28 34.69 -0.73 16.12
N ARG A 29 35.77 -0.82 15.32
CA ARG A 29 36.94 -1.57 15.74
C ARG A 29 37.64 -0.92 16.93
N ASP A 30 37.31 0.32 17.28
CA ASP A 30 37.81 0.91 18.52
C ASP A 30 37.24 0.19 19.73
N HIS A 31 36.02 -0.36 19.61
CA HIS A 31 35.32 -0.97 20.73
C HIS A 31 35.23 -2.49 20.63
N TYR A 32 35.39 -3.04 19.44
CA TYR A 32 35.17 -4.47 19.22
C TYR A 32 36.30 -5.06 18.39
N ASP A 33 36.66 -6.30 18.73
CA ASP A 33 37.53 -7.12 17.91
C ASP A 33 36.66 -7.99 17.00
N LEU A 34 36.83 -7.85 15.69
CA LEU A 34 36.09 -8.69 14.75
C LEU A 34 36.70 -10.10 14.80
N LEU A 35 35.88 -11.10 15.07
CA LEU A 35 36.35 -12.47 15.27
C LEU A 35 36.11 -13.34 14.06
N GLN A 36 34.99 -13.15 13.37
CA GLN A 36 34.62 -14.05 12.28
C GLN A 36 33.56 -13.39 11.41
N ARG A 37 33.71 -13.48 10.10
CA ARG A 37 32.63 -13.11 9.19
C ARG A 37 31.67 -14.29 9.14
N LEU A 38 30.45 -14.10 9.59
CA LEU A 38 29.47 -15.17 9.64
C LEU A 38 28.78 -15.36 8.30
N GLY A 39 28.70 -14.33 7.48
CA GLY A 39 28.05 -14.46 6.18
C GLY A 39 27.85 -13.09 5.58
N GLY A 40 27.27 -13.08 4.39
CA GLY A 40 27.05 -11.84 3.67
C GLY A 40 26.21 -12.08 2.44
N GLY A 41 25.59 -11.00 1.96
CA GLY A 41 24.69 -11.03 0.83
C GLY A 41 24.15 -9.66 0.49
N THR A 42 22.88 -9.59 0.11
CA THR A 42 22.27 -8.30 -0.24
C THR A 42 22.23 -7.38 0.97
N TYR A 43 21.81 -7.91 2.12
CA TYR A 43 21.70 -7.14 3.35
C TYR A 43 23.03 -6.58 3.83
N GLY A 44 24.15 -7.03 3.26
CA GLY A 44 25.47 -6.66 3.74
C GLY A 44 26.24 -7.87 4.24
N GLU A 45 26.89 -7.68 5.40
CA GLU A 45 27.69 -8.74 6.01
C GLU A 45 27.44 -8.74 7.51
N VAL A 46 27.60 -9.90 8.13
CA VAL A 46 27.43 -10.03 9.56
C VAL A 46 28.69 -10.61 10.17
N PHE A 47 29.15 -10.00 11.27
CA PHE A 47 30.35 -10.43 11.96
C PHE A 47 30.04 -10.81 13.39
N LYS A 48 30.73 -11.82 13.88
CA LYS A 48 30.86 -12.08 15.30
C LYS A 48 32.02 -11.25 15.81
N ALA A 49 31.78 -10.47 16.87
CA ALA A 49 32.84 -9.64 17.44
C ALA A 49 32.77 -9.70 18.96
N ARG A 50 33.84 -9.22 19.59
CA ARG A 50 33.97 -9.25 21.03
C ARG A 50 34.24 -7.84 21.55
N ASP A 51 33.48 -7.44 22.57
CA ASP A 51 33.69 -6.17 23.24
C ASP A 51 35.06 -6.15 23.89
N LYS A 52 35.88 -5.15 23.53
CA LYS A 52 37.26 -5.12 24.00
C LYS A 52 37.38 -4.87 25.50
N VAL A 53 36.34 -4.33 26.12
CA VAL A 53 36.37 -4.03 27.56
C VAL A 53 35.74 -5.18 28.32
N SER A 54 34.48 -5.49 28.00
CA SER A 54 33.72 -6.45 28.78
C SER A 54 33.97 -7.89 28.38
N GLY A 55 34.47 -8.13 27.17
CA GLY A 55 34.61 -9.47 26.64
C GLY A 55 33.33 -10.09 26.12
N ASP A 56 32.21 -9.38 26.19
CA ASP A 56 30.96 -9.93 25.70
C ASP A 56 30.97 -10.04 24.18
N LEU A 57 30.28 -11.05 23.68
CA LEU A 57 30.14 -11.24 22.25
C LEU A 57 28.97 -10.42 21.72
N VAL A 58 29.12 -9.94 20.48
CA VAL A 58 28.06 -9.22 19.79
C VAL A 58 28.02 -9.67 18.34
N ALA A 59 26.88 -9.43 17.71
CA ALA A 59 26.75 -9.47 16.27
C ALA A 59 26.82 -8.05 15.72
N LEU A 60 27.59 -7.87 14.65
CA LEU A 60 27.64 -6.61 13.93
C LEU A 60 27.13 -6.83 12.52
N LYS A 61 26.04 -6.17 12.17
CA LYS A 61 25.56 -6.17 10.79
C LYS A 61 26.13 -4.95 10.08
N MET A 62 26.90 -5.17 9.03
CA MET A 62 27.58 -4.09 8.32
C MET A 62 26.94 -3.91 6.96
N VAL A 63 26.59 -2.66 6.63
CA VAL A 63 25.97 -2.33 5.36
C VAL A 63 26.65 -1.09 4.79
N LYS A 64 26.73 -1.05 3.47
CA LYS A 64 27.22 0.14 2.77
C LYS A 64 26.28 1.31 3.01
N MET A 65 26.87 2.48 3.32
CA MET A 65 26.10 3.68 3.63
C MET A 65 26.91 4.86 3.08
N GLU A 66 26.79 5.08 1.78
CA GLU A 66 27.53 6.10 1.06
C GLU A 66 26.62 7.28 0.74
N PRO A 67 27.20 8.44 0.42
CA PRO A 67 26.37 9.62 0.19
C PRO A 67 25.37 9.40 -0.94
N ASP A 68 24.17 9.97 -0.76
CA ASP A 68 23.03 9.89 -1.66
C ASP A 68 22.36 8.52 -1.67
N ASP A 69 22.87 7.54 -0.93
CA ASP A 69 22.09 6.33 -0.69
C ASP A 69 20.84 6.68 0.11
N ASP A 70 19.78 5.92 -0.11
CA ASP A 70 18.56 6.10 0.67
C ASP A 70 18.75 5.49 2.05
N VAL A 71 18.59 6.30 3.10
CA VAL A 71 18.79 5.83 4.46
C VAL A 71 17.51 5.36 5.11
N SER A 72 16.35 5.51 4.45
CA SER A 72 15.08 5.42 5.16
C SER A 72 14.87 4.03 5.76
N THR A 73 15.17 2.98 5.01
CA THR A 73 14.90 1.64 5.55
C THR A 73 15.80 1.35 6.74
N LEU A 74 17.11 1.59 6.60
CA LEU A 74 18.01 1.35 7.72
C LEU A 74 17.66 2.25 8.91
N GLN A 75 17.25 3.49 8.63
CA GLN A 75 16.76 4.38 9.69
C GLN A 75 15.64 3.72 10.49
N LYS A 76 14.66 3.16 9.78
CA LYS A 76 13.52 2.56 10.47
C LYS A 76 13.91 1.28 11.20
N GLU A 77 14.87 0.52 10.67
CA GLU A 77 15.31 -0.69 11.34
C GLU A 77 15.96 -0.34 12.68
N ILE A 78 16.81 0.67 12.69
CA ILE A 78 17.44 1.11 13.94
C ILE A 78 16.40 1.65 14.90
N LEU A 79 15.42 2.40 14.39
CA LEU A 79 14.38 2.94 15.27
C LEU A 79 13.63 1.82 15.98
N ILE A 80 13.31 0.74 15.26
CA ILE A 80 12.64 -0.40 15.88
C ILE A 80 13.53 -1.00 16.95
N LEU A 81 14.77 -1.32 16.60
CA LEU A 81 15.65 -2.01 17.53
C LEU A 81 15.93 -1.18 18.78
N LYS A 82 16.15 0.12 18.61
CA LYS A 82 16.60 0.96 19.71
C LYS A 82 15.52 1.19 20.75
N THR A 83 14.25 1.00 20.37
CA THR A 83 13.14 1.22 21.29
C THR A 83 12.57 -0.06 21.86
N CYS A 84 13.18 -1.21 21.57
CA CYS A 84 12.81 -2.47 22.20
C CYS A 84 13.71 -2.76 23.38
N ARG A 85 13.12 -3.22 24.48
CA ARG A 85 13.83 -3.67 25.68
C ARG A 85 13.02 -4.85 26.21
N HIS A 86 13.25 -6.03 25.63
CA HIS A 86 12.54 -7.23 26.00
C HIS A 86 13.42 -8.43 25.73
N ALA A 87 13.39 -9.40 26.65
CA ALA A 87 14.30 -10.53 26.57
C ALA A 87 14.21 -11.24 25.24
N ASN A 88 13.01 -11.35 24.68
CA ASN A 88 12.82 -12.14 23.47
C ASN A 88 13.00 -11.33 22.20
N ILE A 89 13.52 -10.10 22.30
CA ILE A 89 13.91 -9.30 21.14
C ILE A 89 15.40 -9.05 21.24
N VAL A 90 16.14 -9.31 20.16
N VAL A 90 16.14 -9.29 20.15
CA VAL A 90 17.60 -9.18 20.23
CA VAL A 90 17.59 -9.18 20.21
C VAL A 90 17.95 -7.80 20.77
C VAL A 90 17.97 -7.80 20.75
N ALA A 91 18.85 -7.78 21.74
CA ALA A 91 19.26 -6.53 22.37
C ALA A 91 20.06 -5.68 21.41
N TYR A 92 19.91 -4.37 21.55
CA TYR A 92 20.56 -3.39 20.69
C TYR A 92 21.61 -2.64 21.48
N HIS A 93 22.81 -2.52 20.90
CA HIS A 93 23.95 -1.88 21.55
C HIS A 93 24.46 -0.67 20.79
N GLY A 94 23.72 -0.18 19.81
CA GLY A 94 24.08 1.01 19.09
C GLY A 94 24.51 0.69 17.67
N SER A 95 24.72 1.76 16.92
CA SER A 95 25.17 1.68 15.55
C SER A 95 26.31 2.66 15.31
N TYR A 96 27.21 2.27 14.44
CA TYR A 96 28.40 3.03 14.10
C TYR A 96 28.33 3.38 12.63
N LEU A 97 28.69 4.61 12.30
CA LEU A 97 28.87 5.05 10.92
C LEU A 97 30.31 5.48 10.78
N TRP A 98 31.06 4.77 9.94
CA TRP A 98 32.50 5.03 9.83
C TRP A 98 32.92 4.72 8.40
N LEU A 99 33.46 5.73 7.72
CA LEU A 99 34.00 5.57 6.37
C LEU A 99 32.97 4.89 5.45
N GLN A 100 31.73 5.37 5.53
CA GLN A 100 30.66 4.99 4.62
C GLN A 100 30.24 3.53 4.79
N LYS A 101 30.43 3.00 5.99
CA LYS A 101 29.88 1.72 6.40
C LYS A 101 29.08 1.92 7.68
N LEU A 102 27.86 1.38 7.70
CA LEU A 102 27.00 1.40 8.87
C LEU A 102 27.08 0.05 9.55
N TRP A 103 27.39 0.04 10.84
CA TRP A 103 27.49 -1.19 11.62
C TRP A 103 26.43 -1.16 12.71
N ILE A 104 25.49 -2.11 12.65
CA ILE A 104 24.44 -2.22 13.66
C ILE A 104 24.87 -3.30 14.64
N CYS A 105 24.97 -2.95 15.92
CA CYS A 105 25.49 -3.84 16.94
C CYS A 105 24.36 -4.42 17.79
N MET A 106 24.31 -5.74 17.87
CA MET A 106 23.26 -6.43 18.59
C MET A 106 23.82 -7.58 19.41
N GLU A 107 22.99 -8.06 20.35
CA GLU A 107 23.26 -9.29 21.08
C GLU A 107 23.61 -10.43 20.13
N PHE A 108 24.62 -11.23 20.49
CA PHE A 108 25.03 -12.36 19.68
C PHE A 108 24.25 -13.61 20.06
N CYS A 109 23.72 -14.31 19.06
CA CYS A 109 23.03 -15.58 19.23
C CYS A 109 23.86 -16.64 18.52
N GLY A 110 24.60 -17.43 19.30
CA GLY A 110 25.64 -18.27 18.74
C GLY A 110 25.16 -19.38 17.82
N ALA A 111 23.93 -19.86 18.02
CA ALA A 111 23.45 -20.96 17.20
C ALA A 111 22.80 -20.50 15.91
N GLY A 112 22.66 -19.19 15.72
CA GLY A 112 22.03 -18.70 14.51
C GLY A 112 20.52 -18.88 14.56
N SER A 113 19.92 -19.02 13.39
CA SER A 113 18.47 -19.12 13.32
C SER A 113 18.00 -20.57 13.46
N LEU A 114 16.70 -20.70 13.72
CA LEU A 114 16.11 -22.03 13.74
C LEU A 114 16.25 -22.71 12.39
N GLN A 115 16.22 -21.94 11.29
CA GLN A 115 16.47 -22.54 9.99
C GLN A 115 17.90 -23.07 9.89
N ASP A 116 18.89 -22.29 10.33
CA ASP A 116 20.25 -22.79 10.36
C ASP A 116 20.32 -24.14 11.07
N ILE A 117 19.55 -24.26 12.15
CA ILE A 117 19.60 -25.45 13.00
C ILE A 117 18.86 -26.62 12.35
N TYR A 118 17.60 -26.43 11.92
CA TYR A 118 16.82 -27.58 11.46
C TYR A 118 17.32 -28.10 10.11
N GLN A 119 18.05 -27.29 9.36
CA GLN A 119 18.69 -27.78 8.14
C GLN A 119 19.74 -28.84 8.45
N VAL A 120 20.21 -28.90 9.68
CA VAL A 120 21.13 -29.95 10.12
C VAL A 120 20.42 -31.03 10.93
N THR A 121 19.56 -30.62 11.86
CA THR A 121 18.97 -31.57 12.81
C THR A 121 17.77 -32.31 12.27
N GLY A 122 17.08 -31.75 11.29
CA GLY A 122 15.77 -32.23 10.95
C GLY A 122 14.70 -31.61 11.85
N SER A 123 13.49 -32.12 11.71
CA SER A 123 12.33 -31.50 12.35
C SER A 123 12.47 -31.47 13.86
N LEU A 124 11.91 -30.42 14.45
CA LEU A 124 11.88 -30.26 15.89
C LEU A 124 10.80 -31.14 16.50
N SER A 125 10.95 -31.45 17.78
CA SER A 125 9.92 -32.15 18.52
C SER A 125 8.78 -31.19 18.85
N GLU A 126 7.62 -31.77 19.18
CA GLU A 126 6.48 -30.92 19.51
C GLU A 126 6.78 -30.04 20.73
N LEU A 127 7.46 -30.59 21.74
CA LEU A 127 7.80 -29.78 22.90
C LEU A 127 8.78 -28.65 22.55
N GLN A 128 9.76 -28.93 21.69
CA GLN A 128 10.66 -27.88 21.24
C GLN A 128 9.90 -26.78 20.50
N ILE A 129 8.98 -27.17 19.61
CA ILE A 129 8.18 -26.18 18.89
C ILE A 129 7.33 -25.37 19.86
N SER A 130 6.76 -26.05 20.86
CA SER A 130 5.91 -25.37 21.85
C SER A 130 6.69 -24.30 22.61
N TYR A 131 7.90 -24.62 23.04
CA TYR A 131 8.73 -23.63 23.73
C TYR A 131 9.07 -22.47 22.79
N VAL A 132 9.49 -22.77 21.56
CA VAL A 132 9.78 -21.71 20.60
C VAL A 132 8.58 -20.80 20.43
N CYS A 133 7.40 -21.41 20.24
CA CYS A 133 6.21 -20.60 19.99
C CYS A 133 5.86 -19.74 21.20
N ARG A 134 6.08 -20.25 22.41
CA ARG A 134 5.80 -19.44 23.59
C ARG A 134 6.72 -18.23 23.66
N GLU A 135 8.01 -18.47 23.40
CA GLU A 135 8.97 -17.38 23.44
C GLU A 135 8.71 -16.37 22.33
N VAL A 136 8.39 -16.83 21.12
CA VAL A 136 8.07 -15.89 20.05
C VAL A 136 6.81 -15.09 20.40
N LEU A 137 5.80 -15.74 20.97
CA LEU A 137 4.58 -15.03 21.34
C LEU A 137 4.83 -13.98 22.42
N GLN A 138 5.75 -14.26 23.35
CA GLN A 138 6.13 -13.25 24.33
C GLN A 138 6.75 -12.04 23.65
N GLY A 139 7.65 -12.28 22.69
CA GLY A 139 8.20 -11.18 21.95
C GLY A 139 7.16 -10.43 21.15
N LEU A 140 6.24 -11.17 20.51
CA LEU A 140 5.21 -10.52 19.70
C LEU A 140 4.26 -9.70 20.57
N ALA A 141 3.85 -10.23 21.71
CA ALA A 141 2.98 -9.47 22.60
C ALA A 141 3.64 -8.15 22.97
N TYR A 142 4.94 -8.19 23.24
CA TYR A 142 5.65 -6.96 23.55
C TYR A 142 5.65 -6.00 22.37
N LEU A 143 6.06 -6.48 21.20
CA LEU A 143 6.06 -5.63 20.02
C LEU A 143 4.70 -5.00 19.78
N HIS A 144 3.65 -5.83 19.86
CA HIS A 144 2.31 -5.32 19.56
C HIS A 144 1.87 -4.29 20.59
N SER A 145 2.32 -4.42 21.84
CA SER A 145 1.98 -3.43 22.86
C SER A 145 2.65 -2.09 22.59
N GLN A 146 3.68 -2.07 21.74
CA GLN A 146 4.33 -0.85 21.27
C GLN A 146 3.77 -0.38 19.93
N LYS A 147 2.75 -1.07 19.41
CA LYS A 147 2.18 -0.82 18.08
C LYS A 147 3.22 -1.03 17.00
N LYS A 148 4.09 -2.00 17.20
CA LYS A 148 5.02 -2.48 16.20
C LYS A 148 4.52 -3.80 15.63
N ILE A 149 4.93 -4.10 14.40
CA ILE A 149 4.57 -5.32 13.70
C ILE A 149 5.86 -5.89 13.14
N HIS A 150 6.15 -7.17 13.42
CA HIS A 150 7.38 -7.74 12.89
C HIS A 150 7.27 -7.96 11.38
N ARG A 151 6.19 -8.58 10.93
CA ARG A 151 5.82 -8.81 9.53
C ARG A 151 6.73 -9.82 8.81
N ASP A 152 7.69 -10.43 9.48
CA ASP A 152 8.51 -11.44 8.82
C ASP A 152 8.87 -12.57 9.81
N ILE A 153 7.89 -13.04 10.56
CA ILE A 153 8.10 -14.18 11.45
C ILE A 153 8.24 -15.43 10.60
N LYS A 154 9.33 -16.18 10.82
CA LYS A 154 9.74 -17.38 10.09
C LYS A 154 10.98 -17.93 10.78
N GLY A 155 11.30 -19.20 10.50
CA GLY A 155 12.43 -19.84 11.16
C GLY A 155 13.74 -19.08 10.96
N ALA A 156 13.92 -18.47 9.80
CA ALA A 156 15.16 -17.77 9.49
C ALA A 156 15.39 -16.54 10.36
N ASN A 157 14.33 -16.02 10.99
CA ASN A 157 14.42 -14.78 11.75
C ASN A 157 14.24 -14.98 13.23
N ILE A 158 14.18 -16.23 13.67
CA ILE A 158 14.09 -16.57 15.08
C ILE A 158 15.45 -17.13 15.47
N LEU A 159 16.17 -16.42 16.33
CA LEU A 159 17.54 -16.76 16.66
C LEU A 159 17.62 -17.47 17.99
N ILE A 160 18.66 -18.29 18.13
CA ILE A 160 18.88 -19.13 19.28
C ILE A 160 20.29 -18.86 19.79
N ASN A 161 20.43 -18.57 21.08
CA ASN A 161 21.77 -18.40 21.63
C ASN A 161 22.24 -19.71 22.26
N ASP A 162 23.49 -19.70 22.72
CA ASP A 162 24.12 -20.93 23.19
C ASP A 162 23.45 -21.47 24.45
N ALA A 163 22.65 -20.65 25.13
CA ALA A 163 21.91 -21.08 26.31
C ALA A 163 20.54 -21.65 25.96
N GLY A 164 20.21 -21.72 24.68
CA GLY A 164 18.90 -22.21 24.28
C GLY A 164 17.79 -21.19 24.36
N GLU A 165 18.11 -19.91 24.53
CA GLU A 165 17.13 -18.84 24.59
C GLU A 165 16.79 -18.36 23.18
N VAL A 166 15.60 -17.77 23.05
CA VAL A 166 14.98 -17.45 21.77
C VAL A 166 14.87 -15.94 21.64
N ARG A 167 15.28 -15.41 20.49
N ARG A 167 15.32 -15.39 20.51
CA ARG A 167 15.28 -13.98 20.21
CA ARG A 167 15.22 -13.95 20.27
C ARG A 167 14.70 -13.74 18.83
C ARG A 167 14.75 -13.68 18.86
N LEU A 168 13.73 -12.82 18.74
CA LEU A 168 13.31 -12.34 17.43
C LEU A 168 14.34 -11.37 16.90
N ALA A 169 14.60 -11.44 15.60
CA ALA A 169 15.58 -10.57 14.96
C ALA A 169 15.12 -10.27 13.55
N ASP A 170 15.98 -9.60 12.79
CA ASP A 170 15.78 -9.26 11.39
C ASP A 170 14.49 -8.49 11.16
N PHE A 171 14.52 -7.24 11.54
CA PHE A 171 13.42 -6.31 11.34
C PHE A 171 13.50 -5.62 9.99
N GLY A 172 14.26 -6.18 9.05
CA GLY A 172 14.42 -5.53 7.76
C GLY A 172 13.11 -5.36 7.01
N ILE A 173 12.26 -6.39 7.01
CA ILE A 173 10.99 -6.26 6.30
C ILE A 173 10.09 -5.24 7.00
N SER A 174 10.04 -5.28 8.33
CA SER A 174 9.27 -4.29 9.07
C SER A 174 9.74 -2.89 8.74
N ALA A 175 11.07 -2.70 8.65
CA ALA A 175 11.62 -1.40 8.36
C ALA A 175 11.32 -0.97 6.93
N GLN A 176 11.41 -1.90 5.98
CA GLN A 176 11.04 -1.61 4.60
C GLN A 176 9.60 -1.13 4.52
N ILE A 177 8.69 -1.83 5.18
CA ILE A 177 7.28 -1.44 5.16
C ILE A 177 7.12 -0.07 5.80
N GLY A 178 7.73 0.14 6.96
CA GLY A 178 7.64 1.43 7.61
C GLY A 178 8.11 2.56 6.72
N ALA A 179 9.23 2.34 6.02
CA ALA A 179 9.77 3.39 5.16
C ALA A 179 8.84 3.65 3.97
N GLU A 180 8.29 2.59 3.38
CA GLU A 180 7.33 2.78 2.30
C GLU A 180 6.08 3.49 2.79
N LEU A 181 5.60 3.14 3.99
CA LEU A 181 4.45 3.82 4.56
C LEU A 181 4.73 5.31 4.74
N ALA A 182 5.93 5.64 5.21
CA ALA A 182 6.28 7.05 5.39
C ALA A 182 6.35 7.78 4.04
N ARG A 183 6.89 7.13 3.02
CA ARG A 183 6.97 7.74 1.71
C ARG A 183 5.59 7.98 1.12
N ARG A 184 4.63 7.10 1.40
CA ARG A 184 3.30 7.26 0.84
C ARG A 184 2.48 8.30 1.60
N LEU A 185 2.78 8.54 2.88
CA LEU A 185 2.22 9.71 3.54
C LEU A 185 2.77 10.98 2.93
N GLU A 186 4.08 11.02 2.67
CA GLU A 186 4.71 12.25 2.21
C GLU A 186 4.15 12.70 0.87
N PHE A 187 3.73 11.77 0.01
CA PHE A 187 3.26 12.09 -1.34
C PHE A 187 1.81 11.67 -1.56
N ILE A 188 1.01 11.62 -0.50
CA ILE A 188 -0.38 11.21 -0.65
C ILE A 188 -1.17 12.25 -1.43
N GLY A 189 -0.74 13.50 -1.40
CA GLY A 189 -1.48 14.57 -2.04
C GLY A 189 -2.65 15.03 -1.20
N THR A 190 -3.40 15.96 -1.77
CA THR A 190 -4.52 16.54 -1.04
C THR A 190 -5.56 15.45 -0.75
N PRO A 191 -6.13 15.42 0.46
CA PRO A 191 -6.98 14.29 0.86
C PRO A 191 -8.48 14.50 0.75
N TYR A 192 -8.94 15.69 0.36
CA TYR A 192 -10.32 16.04 0.64
C TYR A 192 -11.33 15.23 -0.17
N TRP A 193 -10.94 14.68 -1.32
CA TRP A 193 -11.82 13.85 -2.14
C TRP A 193 -11.59 12.36 -1.93
N MET A 194 -10.71 11.97 -1.01
CA MET A 194 -10.28 10.60 -0.87
C MET A 194 -11.25 9.82 0.02
N ALA A 195 -11.59 8.60 -0.40
CA ALA A 195 -12.42 7.73 0.41
C ALA A 195 -11.67 7.37 1.69
N PRO A 196 -12.39 7.19 2.80
CA PRO A 196 -11.69 6.86 4.06
C PRO A 196 -10.86 5.59 3.96
N GLU A 197 -11.32 4.56 3.24
CA GLU A 197 -10.55 3.33 3.16
C GLU A 197 -9.25 3.54 2.38
N VAL A 198 -9.23 4.48 1.44
CA VAL A 198 -8.00 4.80 0.74
C VAL A 198 -7.01 5.47 1.68
N ALA A 199 -7.49 6.44 2.47
CA ALA A 199 -6.62 7.08 3.46
C ALA A 199 -6.12 6.05 4.47
N ALA A 200 -6.97 5.12 4.88
CA ALA A 200 -6.59 4.14 5.88
C ALA A 200 -5.46 3.24 5.37
N VAL A 201 -5.56 2.78 4.13
CA VAL A 201 -4.50 1.96 3.57
C VAL A 201 -3.20 2.75 3.47
N ALA A 202 -3.31 4.03 3.11
CA ALA A 202 -2.11 4.85 2.96
C ALA A 202 -1.43 5.10 4.31
N LEU A 203 -2.20 5.23 5.39
CA LEU A 203 -1.61 5.54 6.69
C LEU A 203 -1.26 4.29 7.48
N LYS A 204 -2.03 3.21 7.33
CA LYS A 204 -1.89 2.06 8.19
C LYS A 204 -1.57 0.76 7.47
N GLY A 205 -1.67 0.71 6.15
CA GLY A 205 -1.15 -0.40 5.38
C GLY A 205 -2.15 -1.42 4.91
N GLY A 206 -3.36 -1.44 5.46
CA GLY A 206 -4.36 -2.39 5.02
C GLY A 206 -4.43 -3.67 5.84
N TYR A 207 -3.58 -3.83 6.84
CA TYR A 207 -3.64 -4.99 7.73
C TYR A 207 -3.06 -4.56 9.07
N ASN A 208 -3.06 -5.46 10.05
CA ASN A 208 -2.62 -5.10 11.39
C ASN A 208 -1.72 -6.20 11.94
N GLU A 209 -1.44 -6.09 13.23
CA GLU A 209 -0.43 -6.91 13.89
C GLU A 209 -0.79 -8.38 13.91
N LEU A 210 -2.06 -8.72 13.73
CA LEU A 210 -2.47 -10.12 13.74
C LEU A 210 -1.85 -10.91 12.59
N CYS A 211 -1.31 -10.24 11.58
CA CYS A 211 -0.57 -10.97 10.55
C CYS A 211 0.59 -11.76 11.16
N ASP A 212 1.17 -11.27 12.25
CA ASP A 212 2.29 -11.97 12.89
C ASP A 212 1.83 -13.28 13.50
N ILE A 213 0.58 -13.35 13.95
CA ILE A 213 0.07 -14.58 14.55
C ILE A 213 -0.08 -15.66 13.48
N TRP A 214 -0.61 -15.29 12.31
CA TRP A 214 -0.65 -16.21 11.19
C TRP A 214 0.74 -16.70 10.87
N SER A 215 1.70 -15.79 10.73
CA SER A 215 3.06 -16.18 10.36
C SER A 215 3.67 -17.14 11.37
N LEU A 216 3.34 -16.97 12.67
CA LEU A 216 3.84 -17.91 13.66
C LEU A 216 3.25 -19.31 13.45
N GLY A 217 1.97 -19.39 13.11
CA GLY A 217 1.40 -20.69 12.77
C GLY A 217 2.12 -21.36 11.61
N ILE A 218 2.41 -20.60 10.57
CA ILE A 218 3.16 -21.18 9.45
C ILE A 218 4.53 -21.61 9.91
N THR A 219 5.18 -20.79 10.76
CA THR A 219 6.49 -21.13 11.28
C THR A 219 6.46 -22.43 12.06
N ALA A 220 5.41 -22.66 12.85
CA ALA A 220 5.31 -23.92 13.60
C ALA A 220 5.25 -25.11 12.65
N ILE A 221 4.53 -24.97 11.54
CA ILE A 221 4.54 -26.03 10.53
C ILE A 221 5.93 -26.17 9.93
N GLU A 222 6.59 -25.06 9.63
CA GLU A 222 7.96 -25.09 9.09
C GLU A 222 8.91 -25.85 10.02
N LEU A 223 8.81 -25.61 11.32
CA LEU A 223 9.68 -26.30 12.27
C LEU A 223 9.35 -27.79 12.35
N ALA A 224 8.08 -28.13 12.12
CA ALA A 224 7.63 -29.51 12.16
C ALA A 224 7.97 -30.28 10.89
N GLU A 225 8.01 -29.60 9.75
CA GLU A 225 8.05 -30.25 8.44
C GLU A 225 9.21 -29.81 7.55
N LEU A 226 9.97 -28.79 7.93
CA LEU A 226 11.19 -28.28 7.29
C LEU A 226 10.89 -27.42 6.07
N GLN A 227 9.63 -27.18 5.74
CA GLN A 227 9.20 -26.27 4.69
C GLN A 227 7.88 -25.65 5.14
N PRO A 228 7.60 -24.42 4.74
CA PRO A 228 6.25 -23.90 4.91
C PRO A 228 5.29 -24.58 3.95
N PRO A 229 3.99 -24.56 4.23
CA PRO A 229 3.02 -25.10 3.27
C PRO A 229 3.16 -24.46 1.89
N LEU A 230 2.95 -25.29 0.86
CA LEU A 230 2.96 -24.84 -0.54
C LEU A 230 4.31 -24.29 -0.98
N PHE A 231 5.38 -24.69 -0.30
CA PHE A 231 6.71 -24.22 -0.64
C PHE A 231 7.10 -24.52 -2.07
N ASP A 232 6.48 -25.54 -2.68
CA ASP A 232 6.82 -25.96 -4.03
C ASP A 232 5.84 -25.41 -5.06
N VAL A 233 4.99 -24.48 -4.68
CA VAL A 233 4.04 -23.81 -5.58
C VAL A 233 4.59 -22.44 -5.92
N HIS A 234 4.38 -22.02 -7.18
CA HIS A 234 4.89 -20.73 -7.62
C HIS A 234 4.40 -19.61 -6.71
N PRO A 235 5.28 -18.71 -6.27
CA PRO A 235 4.85 -17.69 -5.29
C PRO A 235 3.66 -16.87 -5.73
N LEU A 236 3.56 -16.50 -7.02
CA LEU A 236 2.41 -15.70 -7.45
C LEU A 236 1.12 -16.50 -7.39
N ARG A 237 1.19 -17.80 -7.68
CA ARG A 237 0.02 -18.65 -7.53
C ARG A 237 -0.42 -18.72 -6.07
N VAL A 238 0.54 -18.84 -5.15
CA VAL A 238 0.20 -18.88 -3.73
C VAL A 238 -0.50 -17.59 -3.33
N LEU A 239 0.03 -16.44 -3.76
CA LEU A 239 -0.62 -15.18 -3.45
C LEU A 239 -2.05 -15.15 -3.98
N PHE A 240 -2.23 -15.56 -5.24
CA PHE A 240 -3.56 -15.56 -5.82
C PHE A 240 -4.52 -16.44 -5.02
N LEU A 241 -4.09 -17.66 -4.67
CA LEU A 241 -4.99 -18.57 -3.98
C LEU A 241 -5.45 -17.99 -2.65
N MET A 242 -4.57 -17.27 -1.96
CA MET A 242 -4.94 -16.69 -0.69
C MET A 242 -6.03 -15.62 -0.80
N THR A 243 -6.22 -15.04 -2.00
CA THR A 243 -7.22 -14.01 -2.18
C THR A 243 -8.59 -14.56 -2.59
N LYS A 244 -8.71 -15.86 -2.84
CA LYS A 244 -10.01 -16.42 -3.19
C LYS A 244 -10.87 -16.61 -1.95
N SER A 245 -12.18 -16.48 -2.13
CA SER A 245 -13.10 -16.53 -0.99
C SER A 245 -13.11 -17.89 -0.33
N GLY A 246 -12.75 -18.96 -1.04
CA GLY A 246 -12.76 -20.29 -0.47
C GLY A 246 -11.39 -20.78 -0.04
N TYR A 247 -10.44 -19.86 0.09
CA TYR A 247 -9.10 -20.23 0.50
C TYR A 247 -9.15 -20.98 1.83
N GLN A 248 -8.40 -22.09 1.91
CA GLN A 248 -8.39 -22.92 3.10
C GLN A 248 -7.05 -22.82 3.80
N PRO A 249 -7.03 -22.48 5.09
CA PRO A 249 -5.74 -22.44 5.79
C PRO A 249 -5.06 -23.78 5.75
N PRO A 250 -3.73 -23.79 5.73
CA PRO A 250 -3.00 -25.06 5.75
C PRO A 250 -3.05 -25.74 7.10
N ARG A 251 -2.59 -26.98 7.09
CA ARG A 251 -2.64 -27.90 8.22
C ARG A 251 -1.31 -28.63 8.31
N LEU A 252 -1.09 -29.25 9.45
CA LEU A 252 0.00 -30.20 9.58
C LEU A 252 -0.31 -31.45 8.76
N LYS A 253 0.71 -31.96 8.09
CA LYS A 253 0.52 -33.08 7.17
C LYS A 253 0.29 -34.39 7.91
N GLU A 254 1.10 -34.68 8.93
CA GLU A 254 1.07 -35.98 9.60
C GLU A 254 0.14 -35.89 10.80
N LYS A 255 -1.06 -36.45 10.67
CA LYS A 255 -2.06 -36.24 11.71
C LYS A 255 -1.66 -36.94 13.01
N GLY A 256 -1.17 -38.17 12.92
CA GLY A 256 -0.90 -38.94 14.13
C GLY A 256 0.38 -38.55 14.84
N LYS A 257 1.28 -37.83 14.17
CA LYS A 257 2.54 -37.46 14.77
C LYS A 257 2.39 -36.36 15.83
N TRP A 258 1.33 -35.57 15.76
CA TRP A 258 1.20 -34.36 16.54
C TRP A 258 -0.06 -34.41 17.40
N SER A 259 0.01 -33.85 18.60
CA SER A 259 -1.11 -33.92 19.51
C SER A 259 -2.28 -33.07 19.02
N ALA A 260 -3.47 -33.38 19.53
CA ALA A 260 -4.63 -32.53 19.27
C ALA A 260 -4.35 -31.07 19.64
N ALA A 261 -3.59 -30.84 20.71
CA ALA A 261 -3.31 -29.46 21.12
C ALA A 261 -2.49 -28.73 20.05
N PHE A 262 -1.52 -29.42 19.44
CA PHE A 262 -0.73 -28.81 18.39
C PHE A 262 -1.59 -28.55 17.15
N HIS A 263 -2.41 -29.52 16.76
CA HIS A 263 -3.30 -29.27 15.63
C HIS A 263 -4.21 -28.07 15.90
N ASN A 264 -4.67 -27.93 17.14
CA ASN A 264 -5.57 -26.81 17.45
C ASN A 264 -4.82 -25.49 17.46
N PHE A 265 -3.58 -25.48 17.97
CA PHE A 265 -2.75 -24.28 17.89
C PHE A 265 -2.63 -23.81 16.44
N ILE A 266 -2.37 -24.74 15.53
CA ILE A 266 -2.31 -24.40 14.12
C ILE A 266 -3.66 -23.89 13.63
N LYS A 267 -4.76 -24.55 14.02
CA LYS A 267 -6.08 -24.13 13.56
C LYS A 267 -6.35 -22.67 13.93
N VAL A 268 -6.06 -22.29 15.18
CA VAL A 268 -6.49 -20.97 15.62
C VAL A 268 -5.50 -19.89 15.19
N THR A 269 -4.19 -20.17 15.16
CA THR A 269 -3.28 -19.15 14.65
C THR A 269 -3.55 -18.89 13.17
N LEU A 270 -3.92 -19.93 12.42
CA LEU A 270 -4.22 -19.80 10.99
C LEU A 270 -5.69 -19.53 10.73
N THR A 271 -6.28 -18.66 11.55
CA THR A 271 -7.63 -18.18 11.30
C THR A 271 -7.60 -17.22 10.14
N LYS A 272 -8.40 -17.48 9.12
CA LYS A 272 -8.32 -16.71 7.88
C LYS A 272 -8.71 -15.25 8.12
N SER A 273 -9.79 -15.02 8.84
CA SER A 273 -10.26 -13.67 9.06
C SER A 273 -9.43 -12.98 10.14
N PRO A 274 -8.75 -11.87 9.83
CA PRO A 274 -8.00 -11.20 10.90
C PRO A 274 -8.88 -10.68 12.02
N LYS A 275 -10.16 -10.41 11.76
CA LYS A 275 -11.04 -9.97 12.84
C LYS A 275 -11.26 -11.06 13.89
N LYS A 276 -11.09 -12.32 13.52
CA LYS A 276 -11.31 -13.44 14.42
C LYS A 276 -10.02 -14.10 14.89
N ARG A 277 -8.86 -13.66 14.41
CA ARG A 277 -7.60 -14.34 14.76
C ARG A 277 -7.15 -13.92 16.15
N PRO A 278 -6.74 -14.86 17.00
CA PRO A 278 -6.37 -14.49 18.36
C PRO A 278 -5.12 -13.62 18.41
N SER A 279 -5.10 -12.74 19.41
CA SER A 279 -3.95 -11.89 19.70
C SER A 279 -2.80 -12.72 20.30
N ALA A 280 -1.62 -12.11 20.34
CA ALA A 280 -0.47 -12.77 20.99
C ALA A 280 -0.77 -13.09 22.45
N THR A 281 -1.34 -12.12 23.18
CA THR A 281 -1.67 -12.39 24.58
C THR A 281 -2.66 -13.54 24.71
N LYS A 282 -3.68 -13.57 23.85
CA LYS A 282 -4.64 -14.66 23.91
C LYS A 282 -3.96 -16.00 23.63
N MET A 283 -3.09 -16.02 22.61
CA MET A 283 -2.41 -17.26 22.25
C MET A 283 -1.53 -17.77 23.38
N LEU A 284 -0.98 -16.89 24.19
CA LEU A 284 -0.13 -17.33 25.30
C LEU A 284 -0.90 -18.17 26.31
N SER A 285 -2.22 -18.13 26.28
CA SER A 285 -3.07 -18.96 27.13
C SER A 285 -3.40 -20.31 26.50
N HIS A 286 -3.00 -20.56 25.27
CA HIS A 286 -3.31 -21.82 24.62
C HIS A 286 -2.59 -22.97 25.31
N GLN A 287 -3.27 -24.12 25.40
CA GLN A 287 -2.70 -25.29 26.04
C GLN A 287 -1.29 -25.60 25.58
N LEU A 288 -1.02 -25.46 24.28
CA LEU A 288 0.26 -25.89 23.74
C LEU A 288 1.43 -25.12 24.35
N VAL A 289 1.24 -23.81 24.56
CA VAL A 289 2.33 -22.97 25.06
C VAL A 289 2.20 -22.68 26.54
N SER A 290 1.12 -23.11 27.18
N SER A 290 1.13 -23.12 27.19
CA SER A 290 0.95 -22.97 28.62
CA SER A 290 0.99 -22.95 28.64
C SER A 290 1.41 -24.19 29.40
C SER A 290 1.28 -24.22 29.40
N GLN A 291 1.62 -25.32 28.71
CA GLN A 291 1.89 -26.56 29.40
C GLN A 291 3.20 -26.49 30.19
N PRO A 292 3.34 -27.30 31.23
CA PRO A 292 4.59 -27.29 32.00
C PRO A 292 5.74 -27.95 31.24
N GLY A 293 6.94 -27.66 31.69
CA GLY A 293 8.12 -28.27 31.12
C GLY A 293 8.66 -27.62 29.88
N LEU A 294 8.20 -26.43 29.54
CA LEU A 294 8.72 -25.70 28.40
C LEU A 294 9.82 -24.77 28.91
N ASN A 295 11.07 -25.10 28.60
CA ASN A 295 12.20 -24.30 29.04
C ASN A 295 13.36 -24.51 28.06
N ARG A 296 14.41 -23.72 28.26
CA ARG A 296 15.52 -23.71 27.31
C ARG A 296 16.27 -25.03 27.26
N GLY A 297 16.09 -25.92 28.23
CA GLY A 297 16.72 -27.23 28.14
C GLY A 297 16.30 -27.98 26.89
N LEU A 298 15.06 -27.78 26.46
CA LEU A 298 14.58 -28.43 25.24
C LEU A 298 15.41 -28.02 24.03
N ILE A 299 15.82 -26.75 23.97
CA ILE A 299 16.61 -26.32 22.83
C ILE A 299 18.08 -26.66 23.03
N LEU A 300 18.56 -26.72 24.28
CA LEU A 300 19.90 -27.25 24.50
C LEU A 300 20.00 -28.70 24.02
N ASP A 301 18.92 -29.47 24.18
CA ASP A 301 18.88 -30.81 23.62
C ASP A 301 19.05 -30.76 22.10
N LEU A 302 18.35 -29.83 21.46
CA LEU A 302 18.44 -29.69 20.01
C LEU A 302 19.85 -29.31 19.57
N LEU A 303 20.48 -28.38 20.30
CA LEU A 303 21.83 -27.95 19.95
C LEU A 303 22.84 -29.06 20.19
N ASP A 304 22.59 -29.94 21.16
CA ASP A 304 23.46 -31.09 21.33
C ASP A 304 23.37 -32.03 20.14
N LYS A 305 22.16 -32.22 19.61
CA LYS A 305 21.98 -33.01 18.41
C LYS A 305 22.70 -32.36 17.22
N LEU A 306 22.65 -31.04 17.15
CA LEU A 306 23.30 -30.32 16.08
C LEU A 306 24.79 -30.60 16.04
N LYS A 307 25.41 -30.75 17.20
CA LYS A 307 26.83 -31.05 17.29
C LYS A 307 27.05 -32.56 17.34
N VAL B 19 6.73 -0.75 -24.88
CA VAL B 19 6.84 0.20 -25.98
C VAL B 19 5.52 0.27 -26.74
N ASP B 20 4.94 1.46 -26.81
CA ASP B 20 3.73 1.70 -27.57
C ASP B 20 3.99 1.41 -29.05
N PRO B 21 3.35 0.40 -29.62
CA PRO B 21 3.66 0.02 -31.01
C PRO B 21 3.12 0.97 -32.06
N ASP B 22 2.35 1.99 -31.69
CA ASP B 22 1.70 2.88 -32.64
C ASP B 22 2.29 4.28 -32.63
N ILE B 23 3.37 4.51 -31.88
CA ILE B 23 3.97 5.83 -31.83
C ILE B 23 4.28 6.30 -33.24
N PHE B 24 3.96 7.57 -33.51
CA PHE B 24 4.30 8.21 -34.76
C PHE B 24 5.71 8.79 -34.64
N ASN B 25 6.66 8.26 -35.40
CA ASN B 25 8.04 8.73 -35.35
C ASN B 25 8.24 9.84 -36.39
N ARG B 26 7.64 10.98 -36.10
CA ARG B 26 7.66 12.12 -37.01
C ARG B 26 7.22 13.36 -36.25
N ASP B 27 7.48 14.51 -36.85
CA ASP B 27 7.25 15.79 -36.19
C ASP B 27 5.76 16.11 -36.12
N PRO B 28 5.20 16.31 -34.93
CA PRO B 28 3.76 16.66 -34.87
C PRO B 28 3.44 17.99 -35.51
N ARG B 29 4.38 18.95 -35.51
CA ARG B 29 4.13 20.25 -36.10
C ARG B 29 4.01 20.19 -37.62
N ASP B 30 4.34 19.06 -38.23
CA ASP B 30 3.98 18.81 -39.62
C ASP B 30 2.54 18.34 -39.77
N HIS B 31 1.80 18.27 -38.66
CA HIS B 31 0.45 17.69 -38.65
C HIS B 31 -0.53 18.64 -37.96
N TYR B 32 -0.03 19.47 -37.05
CA TYR B 32 -0.87 20.34 -36.24
C TYR B 32 -0.26 21.74 -36.18
N ASP B 33 -1.13 22.74 -36.22
CA ASP B 33 -0.75 24.11 -35.93
C ASP B 33 -0.97 24.38 -34.44
N LEU B 34 0.09 24.76 -33.75
CA LEU B 34 -0.01 25.13 -32.33
C LEU B 34 -0.60 26.53 -32.23
N LEU B 35 -1.71 26.66 -31.50
CA LEU B 35 -2.44 27.92 -31.43
C LEU B 35 -2.23 28.66 -30.13
N GLN B 36 -2.18 27.95 -29.01
CA GLN B 36 -2.17 28.59 -27.70
C GLN B 36 -1.60 27.61 -26.69
N ARG B 37 -0.60 28.06 -25.93
CA ARG B 37 -0.11 27.29 -24.79
C ARG B 37 -1.11 27.46 -23.66
N LEU B 38 -1.74 26.36 -23.26
CA LEU B 38 -2.76 26.43 -22.21
C LEU B 38 -2.17 26.43 -20.82
N GLY B 39 -1.01 25.81 -20.65
CA GLY B 39 -0.40 25.73 -19.33
C GLY B 39 0.72 24.71 -19.34
N GLY B 40 1.13 24.32 -18.13
CA GLY B 40 2.20 23.34 -17.99
C GLY B 40 2.80 23.32 -16.61
N GLY B 41 3.31 22.16 -16.22
CA GLY B 41 4.09 22.03 -15.00
C GLY B 41 5.45 21.49 -15.34
N THR B 42 6.16 20.93 -14.36
CA THR B 42 7.39 20.21 -14.69
C THR B 42 7.09 18.89 -15.41
N TYR B 43 5.84 18.44 -15.40
CA TYR B 43 5.45 17.31 -16.24
C TYR B 43 5.66 17.64 -17.71
N GLY B 44 5.24 18.83 -18.13
CA GLY B 44 5.38 19.23 -19.52
C GLY B 44 4.48 20.42 -19.83
N GLU B 45 4.05 20.49 -21.08
CA GLU B 45 3.27 21.61 -21.59
C GLU B 45 2.05 21.11 -22.34
N VAL B 46 0.97 21.88 -22.26
CA VAL B 46 -0.29 21.54 -22.91
C VAL B 46 -0.63 22.66 -23.88
N PHE B 47 -1.00 22.29 -25.11
CA PHE B 47 -1.31 23.25 -26.16
C PHE B 47 -2.67 22.97 -26.77
N LYS B 48 -3.36 24.04 -27.14
CA LYS B 48 -4.48 23.96 -28.07
C LYS B 48 -3.91 23.97 -29.49
N ALA B 49 -4.30 23.00 -30.30
CA ALA B 49 -3.79 22.90 -31.66
C ALA B 49 -4.92 22.58 -32.61
N ARG B 50 -4.67 22.79 -33.90
CA ARG B 50 -5.67 22.53 -34.93
C ARG B 50 -5.09 21.56 -35.95
N ASP B 51 -5.86 20.52 -36.25
CA ASP B 51 -5.48 19.55 -37.29
C ASP B 51 -5.41 20.26 -38.63
N LYS B 52 -4.31 20.01 -39.36
CA LYS B 52 -4.03 20.80 -40.56
C LYS B 52 -4.94 20.43 -41.74
N VAL B 53 -5.50 19.23 -41.75
CA VAL B 53 -6.33 18.81 -42.88
C VAL B 53 -7.82 18.88 -42.53
N SER B 54 -8.18 18.58 -41.29
CA SER B 54 -9.59 18.54 -40.90
C SER B 54 -10.07 19.82 -40.22
N GLY B 55 -9.18 20.56 -39.56
CA GLY B 55 -9.57 21.72 -38.82
C GLY B 55 -10.09 21.45 -37.42
N ASP B 56 -10.23 20.18 -37.04
CA ASP B 56 -10.65 19.85 -35.69
C ASP B 56 -9.58 20.30 -34.71
N LEU B 57 -10.02 20.76 -33.53
CA LEU B 57 -9.12 21.14 -32.47
C LEU B 57 -8.73 19.91 -31.66
N VAL B 58 -7.51 19.95 -31.11
CA VAL B 58 -7.00 18.89 -30.25
C VAL B 58 -6.23 19.53 -29.11
N ALA B 59 -6.06 18.76 -28.04
CA ALA B 59 -5.11 19.08 -26.99
C ALA B 59 -3.84 18.27 -27.23
N LEU B 60 -2.70 18.94 -27.19
CA LEU B 60 -1.39 18.29 -27.30
C LEU B 60 -0.66 18.49 -25.98
N LYS B 61 -0.36 17.39 -25.30
CA LYS B 61 0.45 17.39 -24.08
C LYS B 61 1.85 16.93 -24.45
N MET B 62 2.83 17.82 -24.31
CA MET B 62 4.24 17.53 -24.59
C MET B 62 4.95 17.15 -23.30
N VAL B 63 5.72 16.07 -23.35
CA VAL B 63 6.47 15.58 -22.20
C VAL B 63 7.90 15.29 -22.64
N LYS B 64 8.80 15.29 -21.65
CA LYS B 64 10.26 15.11 -21.83
C LYS B 64 10.88 16.44 -22.24
N SER B 72 8.12 5.76 -17.25
CA SER B 72 7.32 4.55 -17.32
C SER B 72 5.89 4.80 -16.84
N THR B 73 5.74 5.62 -15.79
CA THR B 73 4.40 5.94 -15.31
C THR B 73 3.61 6.69 -16.38
N LEU B 74 4.27 7.62 -17.08
CA LEU B 74 3.62 8.27 -18.22
C LEU B 74 3.20 7.24 -19.26
N GLN B 75 4.05 6.26 -19.53
CA GLN B 75 3.68 5.18 -20.44
C GLN B 75 2.36 4.55 -20.01
N LYS B 76 2.24 4.26 -18.71
CA LYS B 76 1.01 3.65 -18.20
C LYS B 76 -0.17 4.59 -18.36
N GLU B 77 0.06 5.89 -18.18
CA GLU B 77 -1.02 6.86 -18.31
C GLU B 77 -1.54 6.91 -19.74
N ILE B 78 -0.63 6.97 -20.72
CA ILE B 78 -1.05 6.97 -22.11
C ILE B 78 -1.82 5.70 -22.44
N LEU B 79 -1.36 4.56 -21.91
CA LEU B 79 -2.03 3.29 -22.19
C LEU B 79 -3.46 3.28 -21.66
N ILE B 80 -3.69 3.89 -20.49
CA ILE B 80 -5.05 4.03 -20.01
C ILE B 80 -5.91 4.76 -21.04
N LEU B 81 -5.48 5.95 -21.43
CA LEU B 81 -6.26 6.75 -22.36
C LEU B 81 -6.43 6.01 -23.68
N LYS B 82 -5.39 5.32 -24.13
CA LYS B 82 -5.41 4.63 -25.42
C LYS B 82 -6.41 3.48 -25.42
N THR B 83 -6.50 2.74 -24.32
CA THR B 83 -7.37 1.57 -24.30
C THR B 83 -8.81 1.89 -23.89
N CYS B 84 -9.09 3.12 -23.48
CA CYS B 84 -10.45 3.56 -23.19
C CYS B 84 -11.13 4.05 -24.46
N ARG B 85 -12.37 3.63 -24.65
CA ARG B 85 -13.17 4.08 -25.79
C ARG B 85 -14.60 4.26 -25.27
N HIS B 86 -14.86 5.44 -24.70
CA HIS B 86 -16.16 5.75 -24.13
C HIS B 86 -16.39 7.24 -24.26
N ALA B 87 -17.64 7.63 -24.55
CA ALA B 87 -17.92 9.04 -24.80
C ALA B 87 -17.53 9.91 -23.62
N ASN B 88 -17.64 9.41 -22.40
CA ASN B 88 -17.36 10.23 -21.22
C ASN B 88 -15.91 10.15 -20.75
N ILE B 89 -15.02 9.61 -21.58
N ILE B 89 -15.02 9.62 -21.58
CA ILE B 89 -13.58 9.62 -21.32
CA ILE B 89 -13.59 9.65 -21.31
C ILE B 89 -12.94 10.40 -22.46
C ILE B 89 -12.91 10.38 -22.45
N VAL B 90 -12.12 11.39 -22.11
CA VAL B 90 -11.50 12.23 -23.13
C VAL B 90 -10.80 11.32 -24.13
N ALA B 91 -11.06 11.57 -25.42
CA ALA B 91 -10.63 10.67 -26.48
C ALA B 91 -9.15 10.86 -26.81
N TYR B 92 -8.52 9.76 -27.21
CA TYR B 92 -7.09 9.72 -27.51
C TYR B 92 -6.88 9.50 -29.00
N HIS B 93 -6.01 10.31 -29.61
CA HIS B 93 -5.74 10.19 -31.04
C HIS B 93 -4.40 9.55 -31.36
N GLY B 94 -3.40 9.72 -30.52
CA GLY B 94 -2.10 9.12 -30.78
C GLY B 94 -1.00 9.89 -30.09
N SER B 95 0.22 9.42 -30.31
CA SER B 95 1.42 9.98 -29.72
C SER B 95 2.48 10.14 -30.81
N TYR B 96 3.16 11.28 -30.78
CA TYR B 96 4.29 11.57 -31.67
C TYR B 96 5.56 11.64 -30.83
N LEU B 97 6.63 10.99 -31.31
CA LEU B 97 7.94 11.08 -30.67
C LEU B 97 8.85 11.87 -31.60
N TRP B 98 9.41 12.98 -31.11
CA TRP B 98 10.27 13.83 -31.93
C TRP B 98 11.20 14.62 -31.01
N LEU B 99 12.50 14.56 -31.30
CA LEU B 99 13.51 15.28 -30.54
C LEU B 99 13.37 15.07 -29.04
N GLN B 100 13.23 13.80 -28.65
CA GLN B 100 13.14 13.42 -27.25
C GLN B 100 12.02 14.18 -26.54
N LYS B 101 10.95 14.46 -27.28
CA LYS B 101 9.71 14.99 -26.74
C LYS B 101 8.57 14.10 -27.22
N LEU B 102 7.72 13.67 -26.30
CA LEU B 102 6.56 12.85 -26.63
C LEU B 102 5.32 13.74 -26.60
N TRP B 103 4.61 13.79 -27.73
CA TRP B 103 3.41 14.60 -27.87
C TRP B 103 2.17 13.71 -27.85
N ILE B 104 1.32 13.92 -26.85
CA ILE B 104 0.12 13.12 -26.63
C ILE B 104 -1.05 13.91 -27.18
N CYS B 105 -1.75 13.36 -28.16
CA CYS B 105 -2.82 14.07 -28.85
C CYS B 105 -4.17 13.56 -28.41
N MET B 106 -5.01 14.47 -27.90
CA MET B 106 -6.32 14.11 -27.38
C MET B 106 -7.40 15.07 -27.87
N GLU B 107 -8.66 14.63 -27.74
CA GLU B 107 -9.82 15.49 -27.91
C GLU B 107 -9.66 16.77 -27.09
N PHE B 108 -10.02 17.89 -27.69
CA PHE B 108 -9.96 19.18 -27.00
C PHE B 108 -11.29 19.47 -26.32
N CYS B 109 -11.23 19.90 -25.06
CA CYS B 109 -12.39 20.33 -24.30
C CYS B 109 -12.22 21.82 -24.00
N GLY B 110 -12.96 22.65 -24.72
CA GLY B 110 -12.64 24.08 -24.75
C GLY B 110 -12.89 24.84 -23.47
N ALA B 111 -13.84 24.39 -22.66
CA ALA B 111 -14.13 25.09 -21.42
C ALA B 111 -13.19 24.70 -20.29
N GLY B 112 -12.31 23.72 -20.50
CA GLY B 112 -11.49 23.26 -19.41
C GLY B 112 -12.28 22.44 -18.41
N SER B 113 -11.87 22.51 -17.15
CA SER B 113 -12.47 21.69 -16.12
C SER B 113 -13.65 22.39 -15.46
N LEU B 114 -14.44 21.62 -14.72
CA LEU B 114 -15.52 22.20 -13.97
C LEU B 114 -15.00 23.20 -12.94
N GLN B 115 -13.80 22.96 -12.39
CA GLN B 115 -13.20 23.95 -11.51
C GLN B 115 -12.89 25.25 -12.25
N ASP B 116 -12.32 25.15 -13.46
CA ASP B 116 -12.10 26.34 -14.26
C ASP B 116 -13.39 27.13 -14.40
N ILE B 117 -14.51 26.42 -14.58
CA ILE B 117 -15.80 27.05 -14.84
C ILE B 117 -16.36 27.65 -13.55
N TYR B 118 -16.48 26.84 -12.48
CA TYR B 118 -17.20 27.33 -11.30
C TYR B 118 -16.43 28.44 -10.57
N GLN B 119 -15.13 28.54 -10.81
CA GLN B 119 -14.36 29.64 -10.25
C GLN B 119 -14.79 30.97 -10.84
N VAL B 120 -15.46 30.95 -11.99
CA VAL B 120 -16.03 32.14 -12.59
C VAL B 120 -17.53 32.23 -12.33
N THR B 121 -18.26 31.13 -12.54
CA THR B 121 -19.72 31.18 -12.52
C THR B 121 -20.32 31.10 -11.13
N GLY B 122 -19.59 30.57 -10.15
CA GLY B 122 -20.20 30.22 -8.90
C GLY B 122 -20.83 28.83 -8.95
N SER B 123 -21.57 28.53 -7.90
CA SER B 123 -22.06 27.17 -7.70
C SER B 123 -23.01 26.75 -8.81
N LEU B 124 -22.97 25.47 -9.13
CA LEU B 124 -23.87 24.92 -10.13
C LEU B 124 -25.25 24.70 -9.53
N SER B 125 -26.24 24.66 -10.40
CA SER B 125 -27.58 24.30 -9.98
C SER B 125 -27.67 22.80 -9.71
N GLU B 126 -28.70 22.41 -8.96
CA GLU B 126 -28.89 21.00 -8.69
C GLU B 126 -29.05 20.19 -9.98
N LEU B 127 -29.79 20.71 -10.96
CA LEU B 127 -29.95 19.98 -12.21
C LEU B 127 -28.62 19.86 -12.95
N GLN B 128 -27.82 20.94 -12.97
CA GLN B 128 -26.51 20.87 -13.59
C GLN B 128 -25.62 19.83 -12.90
N ILE B 129 -25.64 19.82 -11.57
CA ILE B 129 -24.84 18.82 -10.84
C ILE B 129 -25.35 17.41 -11.14
N SER B 130 -26.66 17.24 -11.20
CA SER B 130 -27.23 15.94 -11.48
C SER B 130 -26.76 15.40 -12.83
N TYR B 131 -26.78 16.26 -13.85
CA TYR B 131 -26.31 15.86 -15.18
C TYR B 131 -24.83 15.48 -15.13
N VAL B 132 -24.02 16.32 -14.47
CA VAL B 132 -22.60 16.01 -14.38
C VAL B 132 -22.39 14.66 -13.70
N CYS B 133 -23.12 14.42 -12.62
CA CYS B 133 -22.96 13.16 -11.89
C CYS B 133 -23.38 11.98 -12.75
N ARG B 134 -24.45 12.12 -13.51
CA ARG B 134 -24.86 11.03 -14.38
C ARG B 134 -23.75 10.71 -15.38
N GLU B 135 -23.17 11.74 -15.99
CA GLU B 135 -22.17 11.52 -17.02
C GLU B 135 -20.89 10.94 -16.42
N VAL B 136 -20.49 11.42 -15.24
CA VAL B 136 -19.31 10.85 -14.59
C VAL B 136 -19.57 9.39 -14.22
N LEU B 137 -20.78 9.09 -13.73
CA LEU B 137 -21.10 7.71 -13.38
C LEU B 137 -21.05 6.79 -14.59
N GLN B 138 -21.47 7.29 -15.77
CA GLN B 138 -21.36 6.49 -16.98
C GLN B 138 -19.91 6.20 -17.30
N GLY B 139 -19.05 7.21 -17.18
CA GLY B 139 -17.63 6.98 -17.39
C GLY B 139 -17.04 6.03 -16.37
N LEU B 140 -17.46 6.17 -15.10
CA LEU B 140 -16.93 5.30 -14.06
C LEU B 140 -17.40 3.86 -14.26
N ALA B 141 -18.66 3.68 -14.64
CA ALA B 141 -19.14 2.32 -14.89
C ALA B 141 -18.32 1.66 -15.99
N TYR B 142 -18.01 2.42 -17.03
CA TYR B 142 -17.16 1.90 -18.09
C TYR B 142 -15.77 1.56 -17.54
N LEU B 143 -15.13 2.51 -16.87
CA LEU B 143 -13.78 2.27 -16.35
C LEU B 143 -13.74 1.05 -15.44
N HIS B 144 -14.72 0.94 -14.56
CA HIS B 144 -14.71 -0.16 -13.59
C HIS B 144 -14.89 -1.50 -14.29
N SER B 145 -15.72 -1.53 -15.34
N SER B 145 -15.71 -1.53 -15.34
CA SER B 145 -15.84 -2.76 -16.12
CA SER B 145 -15.83 -2.76 -16.12
C SER B 145 -14.57 -3.08 -16.90
C SER B 145 -14.54 -3.09 -16.84
N GLN B 146 -13.73 -2.08 -17.16
CA GLN B 146 -12.40 -2.28 -17.74
C GLN B 146 -11.38 -2.66 -16.68
N LYS B 147 -11.80 -2.80 -15.44
CA LYS B 147 -10.94 -3.13 -14.30
C LYS B 147 -9.94 -2.03 -14.03
N LYS B 148 -10.35 -0.78 -14.21
CA LYS B 148 -9.55 0.39 -13.92
C LYS B 148 -10.21 1.17 -12.79
N ILE B 149 -9.40 1.90 -12.04
CA ILE B 149 -9.86 2.81 -10.98
C ILE B 149 -9.30 4.18 -11.31
N HIS B 150 -10.15 5.21 -11.31
CA HIS B 150 -9.65 6.55 -11.62
C HIS B 150 -8.82 7.09 -10.47
N ARG B 151 -9.40 7.08 -9.26
N ARG B 151 -9.36 7.01 -9.26
CA ARG B 151 -8.74 7.38 -8.01
CA ARG B 151 -8.72 7.39 -8.00
C ARG B 151 -8.54 8.88 -7.81
C ARG B 151 -8.44 8.88 -7.84
N ASP B 152 -8.88 9.73 -8.77
CA ASP B 152 -8.75 11.17 -8.58
C ASP B 152 -9.93 11.94 -9.17
N ILE B 153 -11.14 11.45 -8.91
CA ILE B 153 -12.34 12.18 -9.33
C ILE B 153 -12.50 13.43 -8.48
N LYS B 154 -12.64 14.57 -9.14
CA LYS B 154 -12.75 15.90 -8.55
C LYS B 154 -13.06 16.87 -9.67
N GLY B 155 -13.57 18.04 -9.33
CA GLY B 155 -13.95 19.01 -10.34
C GLY B 155 -12.83 19.35 -11.32
N ALA B 156 -11.59 19.43 -10.82
CA ALA B 156 -10.46 19.79 -11.67
C ALA B 156 -10.16 18.75 -12.74
N ASN B 157 -10.67 17.53 -12.59
CA ASN B 157 -10.34 16.42 -13.48
C ASN B 157 -11.53 16.02 -14.34
N ILE B 158 -12.61 16.80 -14.30
CA ILE B 158 -13.78 16.60 -15.14
C ILE B 158 -13.80 17.74 -16.13
N LEU B 159 -13.62 17.42 -17.41
CA LEU B 159 -13.58 18.43 -18.45
C LEU B 159 -14.93 18.58 -19.13
N ILE B 160 -15.14 19.78 -19.68
CA ILE B 160 -16.37 20.14 -20.38
C ILE B 160 -15.99 20.62 -21.77
N ASN B 161 -16.60 20.04 -22.80
CA ASN B 161 -16.34 20.53 -24.15
C ASN B 161 -17.35 21.62 -24.52
N ASP B 162 -17.18 22.20 -25.71
CA ASP B 162 -17.97 23.38 -26.08
C ASP B 162 -19.44 23.08 -26.29
N ALA B 163 -19.81 21.80 -26.38
CA ALA B 163 -21.21 21.40 -26.47
C ALA B 163 -21.81 21.05 -25.12
N GLY B 164 -21.07 21.28 -24.04
CA GLY B 164 -21.59 20.99 -22.71
C GLY B 164 -21.51 19.53 -22.33
N GLU B 165 -20.71 18.75 -23.02
CA GLU B 165 -20.55 17.33 -22.73
C GLU B 165 -19.38 17.11 -21.78
N VAL B 166 -19.46 16.01 -21.03
CA VAL B 166 -18.60 15.76 -19.87
C VAL B 166 -17.58 14.68 -20.22
N ARG B 167 -16.30 14.96 -19.92
CA ARG B 167 -15.22 14.03 -20.23
C ARG B 167 -14.30 13.90 -19.01
N LEU B 168 -14.12 12.66 -18.55
CA LEU B 168 -13.14 12.40 -17.51
C LEU B 168 -11.74 12.52 -18.08
N ALA B 169 -10.84 13.06 -17.28
CA ALA B 169 -9.50 13.29 -17.76
C ALA B 169 -8.52 13.11 -16.61
N ASP B 170 -7.24 13.33 -16.93
CA ASP B 170 -6.14 13.29 -15.97
C ASP B 170 -6.06 11.96 -15.23
N PHE B 171 -5.56 10.95 -15.92
CA PHE B 171 -5.37 9.65 -15.33
C PHE B 171 -3.98 9.48 -14.72
N GLY B 172 -3.33 10.60 -14.38
CA GLY B 172 -1.99 10.53 -13.83
C GLY B 172 -1.93 9.78 -12.51
N ILE B 173 -2.90 10.03 -11.63
CA ILE B 173 -2.90 9.33 -10.35
C ILE B 173 -3.20 7.85 -10.56
N SER B 174 -4.16 7.52 -11.42
CA SER B 174 -4.46 6.13 -11.73
C SER B 174 -3.20 5.40 -12.19
N ALA B 175 -2.44 6.04 -13.09
CA ALA B 175 -1.22 5.41 -13.58
C ALA B 175 -0.19 5.27 -12.47
N GLN B 176 -0.02 6.31 -11.66
CA GLN B 176 0.97 6.28 -10.59
C GLN B 176 0.66 5.18 -9.58
N ILE B 177 -0.61 5.05 -9.20
CA ILE B 177 -0.97 4.04 -8.21
C ILE B 177 -0.80 2.64 -8.79
N GLY B 178 -1.13 2.45 -10.06
CA GLY B 178 -0.91 1.15 -10.68
C GLY B 178 0.55 0.80 -10.75
N ALA B 179 1.39 1.76 -11.11
CA ALA B 179 2.83 1.52 -11.14
C ALA B 179 3.36 1.16 -9.77
N GLU B 180 2.90 1.85 -8.73
CA GLU B 180 3.42 1.60 -7.39
C GLU B 180 2.93 0.26 -6.85
N LEU B 181 1.70 -0.13 -7.19
CA LEU B 181 1.24 -1.47 -6.82
C LEU B 181 2.09 -2.54 -7.50
N ALA B 182 2.41 -2.35 -8.77
CA ALA B 182 3.24 -3.32 -9.48
C ALA B 182 4.65 -3.37 -8.91
N ARG B 183 5.17 -2.23 -8.47
CA ARG B 183 6.52 -2.20 -7.92
C ARG B 183 6.58 -2.96 -6.59
N ARG B 184 5.64 -2.68 -5.69
CA ARG B 184 5.58 -3.40 -4.43
C ARG B 184 5.45 -4.91 -4.67
N LEU B 185 4.69 -5.29 -5.70
CA LEU B 185 4.56 -6.70 -6.04
C LEU B 185 5.89 -7.30 -6.47
N GLU B 186 6.73 -6.52 -7.14
CA GLU B 186 8.00 -7.05 -7.62
C GLU B 186 8.98 -7.30 -6.48
N PHE B 187 8.88 -6.54 -5.39
CA PHE B 187 9.76 -6.68 -4.24
C PHE B 187 9.04 -7.27 -3.04
N ILE B 188 7.93 -7.97 -3.26
CA ILE B 188 7.13 -8.50 -2.17
C ILE B 188 7.89 -9.57 -1.39
N GLY B 189 8.83 -10.24 -2.04
CA GLY B 189 9.52 -11.33 -1.39
C GLY B 189 8.67 -12.59 -1.35
N THR B 190 9.24 -13.61 -0.73
CA THR B 190 8.59 -14.90 -0.68
C THR B 190 7.27 -14.81 0.09
N PRO B 191 6.23 -15.49 -0.35
CA PRO B 191 4.90 -15.30 0.26
C PRO B 191 4.46 -16.38 1.24
N TYR B 192 5.25 -17.43 1.46
CA TYR B 192 4.71 -18.62 2.10
C TYR B 192 4.35 -18.40 3.56
N TRP B 193 4.90 -17.39 4.22
CA TRP B 193 4.55 -17.10 5.60
C TRP B 193 3.53 -15.96 5.74
N MET B 194 3.06 -15.40 4.63
CA MET B 194 2.21 -14.22 4.68
C MET B 194 0.77 -14.58 5.00
N ALA B 195 0.14 -13.76 5.83
CA ALA B 195 -1.27 -13.92 6.12
C ALA B 195 -2.10 -13.57 4.87
N PRO B 196 -3.29 -14.17 4.72
CA PRO B 196 -4.09 -13.91 3.52
C PRO B 196 -4.41 -12.43 3.31
N GLU B 197 -4.65 -11.67 4.39
CA GLU B 197 -5.00 -10.27 4.23
C GLU B 197 -3.80 -9.46 3.74
N VAL B 198 -2.58 -9.90 4.06
CA VAL B 198 -1.37 -9.27 3.54
C VAL B 198 -1.21 -9.55 2.05
N ALA B 199 -1.44 -10.80 1.66
CA ALA B 199 -1.40 -11.16 0.24
C ALA B 199 -2.42 -10.36 -0.55
N ALA B 200 -3.61 -10.15 0.01
CA ALA B 200 -4.65 -9.42 -0.69
C ALA B 200 -4.25 -7.96 -0.90
N VAL B 201 -3.63 -7.34 0.09
CA VAL B 201 -3.14 -5.97 -0.09
C VAL B 201 -2.05 -5.95 -1.15
N ALA B 202 -1.20 -6.97 -1.18
CA ALA B 202 -0.12 -7.01 -2.16
C ALA B 202 -0.66 -7.08 -3.59
N LEU B 203 -1.72 -7.88 -3.79
CA LEU B 203 -2.24 -8.10 -5.13
C LEU B 203 -3.30 -7.10 -5.54
N LYS B 204 -4.14 -6.64 -4.60
CA LYS B 204 -5.29 -5.82 -4.93
C LYS B 204 -5.26 -4.42 -4.32
N GLY B 205 -4.31 -4.14 -3.42
CA GLY B 205 -4.04 -2.79 -3.00
C GLY B 205 -4.74 -2.31 -1.75
N GLY B 206 -5.68 -3.07 -1.21
CA GLY B 206 -6.33 -2.71 0.03
C GLY B 206 -7.65 -1.97 -0.11
N TYR B 207 -8.01 -1.55 -1.32
CA TYR B 207 -9.31 -0.95 -1.57
C TYR B 207 -9.70 -1.28 -3.01
N ASN B 208 -10.87 -0.82 -3.43
CA ASN B 208 -11.36 -1.16 -4.76
C ASN B 208 -11.99 0.05 -5.40
N GLU B 209 -12.65 -0.20 -6.54
CA GLU B 209 -13.15 0.86 -7.42
C GLU B 209 -14.24 1.71 -6.78
N LEU B 210 -14.87 1.23 -5.71
CA LEU B 210 -15.88 2.02 -5.05
C LEU B 210 -15.30 3.29 -4.43
N CYS B 211 -13.98 3.41 -4.32
CA CYS B 211 -13.42 4.67 -3.88
C CYS B 211 -13.82 5.81 -4.81
N ASP B 212 -14.04 5.50 -6.09
CA ASP B 212 -14.40 6.55 -7.05
C ASP B 212 -15.81 7.07 -6.79
N ILE B 213 -16.69 6.21 -6.27
CA ILE B 213 -18.06 6.62 -5.96
C ILE B 213 -18.05 7.63 -4.82
N TRP B 214 -17.27 7.35 -3.77
CA TRP B 214 -17.07 8.33 -2.71
C TRP B 214 -16.58 9.66 -3.28
N SER B 215 -15.53 9.63 -4.09
CA SER B 215 -14.97 10.86 -4.64
C SER B 215 -16.02 11.63 -5.45
N LEU B 216 -16.91 10.92 -6.14
CA LEU B 216 -17.97 11.60 -6.87
C LEU B 216 -18.91 12.32 -5.92
N GLY B 217 -19.24 11.71 -4.79
CA GLY B 217 -20.07 12.39 -3.82
C GLY B 217 -19.42 13.67 -3.31
N ILE B 218 -18.13 13.62 -3.01
CA ILE B 218 -17.42 14.83 -2.60
C ILE B 218 -17.44 15.86 -3.72
N THR B 219 -17.23 15.41 -4.95
CA THR B 219 -17.25 16.32 -6.10
C THR B 219 -18.61 17.01 -6.23
N ALA B 220 -19.70 16.27 -6.01
CA ALA B 220 -21.01 16.91 -6.07
C ALA B 220 -21.14 18.02 -5.04
N ILE B 221 -20.61 17.81 -3.83
CA ILE B 221 -20.59 18.88 -2.84
C ILE B 221 -19.72 20.03 -3.31
N GLU B 222 -18.56 19.72 -3.88
CA GLU B 222 -17.66 20.73 -4.42
C GLU B 222 -18.38 21.60 -5.44
N LEU B 223 -19.15 21.00 -6.34
CA LEU B 223 -19.84 21.77 -7.38
C LEU B 223 -20.95 22.60 -6.78
N ALA B 224 -21.53 22.16 -5.67
CA ALA B 224 -22.60 22.87 -4.99
C ALA B 224 -22.09 24.01 -4.14
N GLU B 225 -20.88 23.87 -3.58
CA GLU B 225 -20.39 24.77 -2.55
C GLU B 225 -19.05 25.44 -2.86
N LEU B 226 -18.36 25.03 -3.93
CA LEU B 226 -17.13 25.61 -4.46
C LEU B 226 -15.90 25.16 -3.68
N GLN B 227 -16.07 24.30 -2.68
CA GLN B 227 -14.98 23.70 -1.92
C GLN B 227 -15.44 22.32 -1.51
N PRO B 228 -14.53 21.35 -1.41
CA PRO B 228 -14.89 20.09 -0.77
C PRO B 228 -15.08 20.28 0.72
N PRO B 229 -15.77 19.37 1.39
CA PRO B 229 -15.86 19.46 2.85
C PRO B 229 -14.49 19.42 3.50
N LEU B 230 -14.37 20.18 4.60
CA LEU B 230 -13.14 20.26 5.40
C LEU B 230 -11.98 20.92 4.66
N PHE B 231 -12.28 21.68 3.60
CA PHE B 231 -11.23 22.31 2.82
C PHE B 231 -10.36 23.23 3.66
N ASP B 232 -10.90 23.77 4.75
CA ASP B 232 -10.15 24.70 5.57
C ASP B 232 -9.49 24.01 6.75
N VAL B 233 -9.48 22.69 6.76
CA VAL B 233 -8.82 21.90 7.79
C VAL B 233 -7.49 21.38 7.24
N HIS B 234 -6.45 21.41 8.07
CA HIS B 234 -5.15 20.99 7.60
C HIS B 234 -5.23 19.56 7.05
N PRO B 235 -4.58 19.29 5.91
CA PRO B 235 -4.76 17.95 5.29
C PRO B 235 -4.35 16.81 6.20
N LEU B 236 -3.31 16.98 7.02
CA LEU B 236 -2.89 15.90 7.91
C LEU B 236 -3.97 15.62 8.96
N ARG B 237 -4.64 16.68 9.44
CA ARG B 237 -5.75 16.49 10.36
C ARG B 237 -6.90 15.75 9.68
N VAL B 238 -7.21 16.10 8.43
CA VAL B 238 -8.28 15.38 7.72
C VAL B 238 -7.93 13.91 7.62
N LEU B 239 -6.67 13.59 7.28
CA LEU B 239 -6.27 12.20 7.17
C LEU B 239 -6.38 11.49 8.51
N PHE B 240 -6.00 12.17 9.60
CA PHE B 240 -6.19 11.62 10.94
C PHE B 240 -7.66 11.28 11.18
N LEU B 241 -8.55 12.25 10.97
CA LEU B 241 -9.96 12.04 11.26
C LEU B 241 -10.56 10.94 10.40
N MET B 242 -10.21 10.91 9.10
CA MET B 242 -10.86 9.98 8.18
C MET B 242 -10.54 8.53 8.51
N THR B 243 -9.38 8.27 9.12
CA THR B 243 -8.91 6.92 9.38
C THR B 243 -9.35 6.38 10.72
N LYS B 244 -10.23 7.09 11.42
CA LYS B 244 -10.76 6.63 12.70
C LYS B 244 -12.14 6.01 12.50
N SER B 245 -12.46 5.03 13.36
CA SER B 245 -13.68 4.26 13.19
C SER B 245 -14.93 5.14 13.24
N GLY B 246 -14.85 6.26 13.93
CA GLY B 246 -16.00 7.12 14.11
C GLY B 246 -16.17 8.23 13.11
N TYR B 247 -15.39 8.24 12.03
CA TYR B 247 -15.49 9.32 11.06
C TYR B 247 -16.91 9.37 10.49
N GLN B 248 -17.48 10.54 10.45
CA GLN B 248 -18.81 10.69 9.89
C GLN B 248 -18.72 11.26 8.49
N PRO B 249 -19.37 10.63 7.50
CA PRO B 249 -19.32 11.18 6.15
C PRO B 249 -19.84 12.61 6.13
N PRO B 250 -19.31 13.46 5.25
CA PRO B 250 -19.80 14.83 5.16
C PRO B 250 -21.15 14.90 4.47
N ARG B 251 -21.70 16.11 4.50
CA ARG B 251 -23.05 16.42 4.05
C ARG B 251 -23.02 17.77 3.36
N LEU B 252 -24.08 18.05 2.60
CA LEU B 252 -24.31 19.39 2.11
C LEU B 252 -24.66 20.31 3.28
N LYS B 253 -24.11 21.51 3.28
CA LYS B 253 -24.22 22.36 4.47
C LYS B 253 -25.45 23.25 4.47
N GLU B 254 -26.01 23.59 3.30
CA GLU B 254 -27.20 24.45 3.21
C GLU B 254 -28.40 23.57 2.89
N LYS B 255 -29.02 23.03 3.93
CA LYS B 255 -29.96 21.91 3.75
C LYS B 255 -31.15 22.29 2.88
N GLY B 256 -31.73 23.47 3.12
CA GLY B 256 -32.95 23.83 2.43
C GLY B 256 -32.78 24.14 0.97
N LYS B 257 -31.53 24.34 0.52
CA LYS B 257 -31.27 24.69 -0.87
C LYS B 257 -31.40 23.51 -1.81
N TRP B 258 -31.34 22.30 -1.28
CA TRP B 258 -31.22 21.10 -2.09
C TRP B 258 -32.34 20.12 -1.79
N SER B 259 -32.77 19.41 -2.82
CA SER B 259 -33.87 18.47 -2.68
C SER B 259 -33.45 17.26 -1.85
N ALA B 260 -34.47 16.56 -1.33
CA ALA B 260 -34.22 15.31 -0.64
C ALA B 260 -33.45 14.33 -1.51
N ALA B 261 -33.72 14.33 -2.83
CA ALA B 261 -33.02 13.40 -3.71
C ALA B 261 -31.52 13.68 -3.75
N PHE B 262 -31.14 14.96 -3.77
CA PHE B 262 -29.73 15.32 -3.75
C PHE B 262 -29.08 14.94 -2.42
N HIS B 263 -29.73 15.27 -1.30
CA HIS B 263 -29.20 14.84 -0.01
C HIS B 263 -29.03 13.33 0.04
N ASN B 264 -29.96 12.58 -0.53
CA ASN B 264 -29.86 11.13 -0.46
C ASN B 264 -28.74 10.62 -1.37
N PHE B 265 -28.59 11.22 -2.54
CA PHE B 265 -27.46 10.88 -3.41
C PHE B 265 -26.13 11.04 -2.69
N ILE B 266 -25.96 12.16 -1.97
CA ILE B 266 -24.76 12.37 -1.16
C ILE B 266 -24.66 11.30 -0.08
N LYS B 267 -25.77 11.01 0.61
CA LYS B 267 -25.72 10.01 1.68
C LYS B 267 -25.23 8.67 1.15
N VAL B 268 -25.74 8.23 0.00
CA VAL B 268 -25.40 6.87 -0.43
C VAL B 268 -24.05 6.83 -1.12
N THR B 269 -23.67 7.87 -1.88
CA THR B 269 -22.34 7.83 -2.49
C THR B 269 -21.26 7.91 -1.40
N LEU B 270 -21.55 8.61 -0.30
CA LEU B 270 -20.63 8.75 0.82
C LEU B 270 -20.89 7.71 1.90
N THR B 271 -21.32 6.52 1.51
CA THR B 271 -21.42 5.40 2.44
C THR B 271 -20.03 5.07 2.96
N LYS B 272 -19.88 5.07 4.29
CA LYS B 272 -18.56 4.88 4.85
C LYS B 272 -18.01 3.50 4.52
N SER B 273 -18.84 2.47 4.65
CA SER B 273 -18.36 1.11 4.43
C SER B 273 -18.27 0.82 2.94
N PRO B 274 -17.09 0.50 2.41
CA PRO B 274 -17.03 0.13 0.98
C PRO B 274 -17.80 -1.14 0.66
N LYS B 275 -18.07 -1.98 1.67
CA LYS B 275 -18.90 -3.16 1.42
C LYS B 275 -20.35 -2.79 1.12
N LYS B 276 -20.80 -1.62 1.54
CA LYS B 276 -22.18 -1.21 1.35
C LYS B 276 -22.33 -0.06 0.36
N ARG B 277 -21.26 0.52 -0.12
CA ARG B 277 -21.34 1.65 -1.03
C ARG B 277 -21.74 1.15 -2.43
N PRO B 278 -22.74 1.76 -3.05
CA PRO B 278 -23.21 1.23 -4.34
C PRO B 278 -22.20 1.44 -5.46
N SER B 279 -22.26 0.54 -6.44
CA SER B 279 -21.45 0.62 -7.63
C SER B 279 -21.93 1.75 -8.53
N ALA B 280 -21.12 2.06 -9.55
CA ALA B 280 -21.52 3.08 -10.51
C ALA B 280 -22.79 2.70 -11.24
N THR B 281 -22.90 1.44 -11.67
CA THR B 281 -24.11 1.01 -12.36
C THR B 281 -25.33 1.13 -11.46
N LYS B 282 -25.19 0.74 -10.19
CA LYS B 282 -26.30 0.88 -9.25
C LYS B 282 -26.67 2.35 -9.07
N MET B 283 -25.65 3.23 -8.97
CA MET B 283 -25.93 4.64 -8.74
C MET B 283 -26.68 5.27 -9.91
N LEU B 284 -26.47 4.76 -11.12
CA LEU B 284 -27.16 5.29 -12.29
C LEU B 284 -28.67 5.11 -12.20
N SER B 285 -29.17 4.26 -11.32
CA SER B 285 -30.59 4.12 -11.10
C SER B 285 -31.12 5.03 -10.01
N HIS B 286 -30.26 5.82 -9.38
CA HIS B 286 -30.71 6.73 -8.34
C HIS B 286 -31.60 7.83 -8.92
N GLN B 287 -32.63 8.20 -8.15
CA GLN B 287 -33.56 9.23 -8.60
C GLN B 287 -32.86 10.47 -9.14
N LEU B 288 -31.79 10.92 -8.48
CA LEU B 288 -31.19 12.20 -8.86
C LEU B 288 -30.66 12.17 -10.29
N VAL B 289 -30.04 11.06 -10.69
CA VAL B 289 -29.40 10.98 -12.00
C VAL B 289 -30.27 10.28 -13.03
N SER B 290 -31.43 9.76 -12.64
N SER B 290 -31.43 9.75 -12.63
CA SER B 290 -32.33 9.11 -13.58
CA SER B 290 -32.36 9.09 -13.55
C SER B 290 -33.55 9.96 -13.91
C SER B 290 -33.49 10.01 -13.98
N GLN B 291 -33.64 11.16 -13.34
CA GLN B 291 -34.77 12.04 -13.58
C GLN B 291 -34.73 12.61 -14.99
N PRO B 292 -35.88 13.03 -15.50
CA PRO B 292 -35.91 13.65 -16.83
C PRO B 292 -35.27 15.02 -16.83
N GLY B 293 -34.95 15.49 -18.02
CA GLY B 293 -34.44 16.84 -18.19
C GLY B 293 -32.98 17.02 -17.95
N LEU B 294 -32.20 15.95 -17.86
CA LEU B 294 -30.76 16.04 -17.66
C LEU B 294 -30.09 15.90 -19.02
N ASN B 295 -29.50 16.99 -19.50
CA ASN B 295 -28.91 17.00 -20.83
C ASN B 295 -27.85 18.08 -20.91
N ARG B 296 -27.08 18.05 -21.99
CA ARG B 296 -25.99 19.00 -22.16
C ARG B 296 -26.47 20.44 -22.25
N GLY B 297 -27.75 20.66 -22.59
CA GLY B 297 -28.26 22.02 -22.59
C GLY B 297 -28.10 22.70 -21.23
N LEU B 298 -28.13 21.91 -20.16
CA LEU B 298 -27.95 22.48 -18.83
C LEU B 298 -26.55 23.08 -18.67
N ILE B 299 -25.55 22.43 -19.25
CA ILE B 299 -24.21 22.96 -19.17
C ILE B 299 -23.97 24.01 -20.25
N LEU B 300 -24.63 23.91 -21.39
CA LEU B 300 -24.58 25.03 -22.34
C LEU B 300 -25.06 26.31 -21.66
N ASP B 301 -26.07 26.20 -20.79
CA ASP B 301 -26.52 27.35 -20.01
C ASP B 301 -25.39 27.85 -19.11
N LEU B 302 -24.69 26.94 -18.46
CA LEU B 302 -23.58 27.32 -17.60
C LEU B 302 -22.49 28.01 -18.39
N LEU B 303 -22.20 27.50 -19.61
CA LEU B 303 -21.18 28.12 -20.45
C LEU B 303 -21.63 29.48 -20.96
N ASP B 304 -22.93 29.64 -21.20
CA ASP B 304 -23.45 30.96 -21.53
C ASP B 304 -23.25 31.92 -20.37
N LYS B 305 -23.50 31.47 -19.13
CA LYS B 305 -23.22 32.29 -17.97
C LYS B 305 -21.73 32.59 -17.84
N LEU B 306 -20.89 31.60 -18.15
CA LEU B 306 -19.45 31.81 -18.11
C LEU B 306 -19.04 32.92 -19.07
N LYS B 307 -19.65 32.95 -20.26
CA LYS B 307 -19.30 33.98 -21.24
C LYS B 307 -19.94 35.32 -20.90
N ASN B 308 -21.26 35.33 -20.68
CA ASN B 308 -21.98 36.57 -20.47
C ASN B 308 -21.72 37.13 -19.07
C5 F97 C . 22.19 -11.91 14.13
C6 F97 C . 22.94 -13.14 13.94
C7 F97 C . 23.47 -13.76 15.08
C10 F97 C . 22.04 -11.42 15.39
N12 F97 C . 20.97 -10.01 14.02
C15 F97 C . 25.09 -17.07 14.22
C21 F97 C . 25.05 -16.44 9.10
C22 F97 C . 24.35 -15.76 8.07
C24 F97 C . 24.24 -14.39 10.13
C28 F97 C . 27.36 -19.47 12.67
C1 F97 C . 21.90 -9.76 11.24
C2 F97 C . 21.40 -11.12 11.81
C3 F97 C . 19.92 -11.41 11.51
N4 F97 C . 21.53 -11.02 13.27
N8 F97 C . 23.31 -13.27 16.28
C9 F97 C . 22.62 -12.13 16.51
C11 F97 C . 21.28 -10.21 15.33
N13 F97 C . 24.21 -14.97 15.11
C14 F97 C . 24.57 -15.78 13.98
C16 F97 C . 25.42 -17.86 13.16
N17 F97 C . 25.25 -17.37 11.92
C18 F97 C . 24.76 -16.14 11.74
N19 F97 C . 24.41 -15.33 12.72
N20 F97 C . 24.57 -15.63 10.42
C23 F97 C . 24.51 -14.27 8.58
F25 F97 C . 23.58 -13.46 8.05
F26 F97 C . 25.80 -13.89 8.35
C27 F97 C . 25.99 -19.26 13.36
C29 F97 C . 27.42 -20.85 12.42
N30 F97 C . 25.86 -21.36 12.44
C31 F97 C . 25.04 -20.31 12.67
H1 F97 C . 23.09 -13.56 12.94
H2 F97 C . 25.23 -17.43 15.25
H3 F97 C . 24.75 -17.48 9.15
H4 F97 C . 26.12 -16.37 8.96
H5 F97 C . 23.29 -16.05 8.05
H6 F97 C . 24.81 -15.90 7.10
H7 F97 C . 23.21 -14.22 10.35
H8 F97 C . 24.85 -13.71 10.67
H9 F97 C . 28.17 -19.17 13.32
H10 F97 C . 27.40 -18.91 11.74
H11 F97 C . 22.92 -9.57 11.57
H12 F97 C . 21.88 -9.77 10.14
H13 F97 C . 21.25 -8.95 11.59
H14 F97 C . 22.01 -11.94 11.36
H15 F97 C . 19.61 -12.30 12.06
H16 F97 C . 19.32 -10.55 11.83
H17 F97 C . 19.79 -11.57 10.44
H18 F97 C . 22.51 -11.74 17.53
H19 F97 C . 20.99 -9.57 16.17
H20 F97 C . 24.54 -15.30 16.02
H21 F97 C . 25.97 -19.53 14.43
H22 F97 C . 27.99 -21.35 13.20
H23 F97 C . 27.86 -21.03 11.45
H24 F97 C . 25.77 -21.94 13.12
H26 F97 C . 24.65 -19.91 11.75
H27 F97 C . 24.24 -20.59 13.34
C1 EDO D . 20.32 -15.05 11.01
O1 EDO D . 20.45 -14.41 9.75
C2 EDO D . 21.16 -16.32 11.06
O2 EDO D . 21.19 -16.95 9.79
H11 EDO D . 20.60 -14.46 11.73
H12 EDO D . 19.40 -15.29 11.19
HO1 EDO D . 20.01 -13.69 9.77
H21 EDO D . 22.05 -16.06 11.38
H22 EDO D . 20.78 -16.88 11.76
HO2 EDO D . 21.77 -17.58 9.82
C5 F97 E . -6.99 18.47 -21.58
C6 F97 E . -7.33 19.86 -21.52
C7 F97 E . -8.29 20.35 -22.43
C10 F97 E . -7.60 17.68 -22.52
N12 F97 E . -6.20 16.38 -21.36
C15 F97 E . -8.98 24.00 -21.69
C21 F97 E . -5.22 24.49 -18.20
C22 F97 E . -4.16 23.82 -17.52
C24 F97 E . -4.88 22.44 -19.46
C28 F97 E . -8.47 27.58 -21.36
C1 F97 E . -3.78 17.68 -20.16
C2 F97 E . -5.23 18.04 -19.73
C3 F97 E . -5.81 17.35 -18.48
N4 F97 E . -6.12 17.64 -20.86
N8 F97 E . -8.85 19.56 -23.31
C9 F97 E . -8.58 18.25 -23.43
C11 F97 E . -7.09 16.34 -22.38
N13 F97 E . -8.73 21.70 -22.49
C14 F97 E . -8.24 22.80 -21.69
C16 F97 E . -8.53 25.04 -20.94
N17 F97 E . -7.39 24.91 -20.23
C18 F97 E . -6.74 23.76 -20.26
N19 F97 E . -7.12 22.71 -20.96
N20 F97 E . -5.51 23.61 -19.54
C23 F97 E . -3.63 22.76 -18.57
F25 F97 E . -3.17 21.66 -17.98
F26 F97 E . -2.70 23.35 -19.36
C27 F97 E . -9.31 26.36 -20.90
C29 F97 E . -9.15 28.64 -20.74
N30 F97 E . -9.72 28.02 -19.34
C31 F97 E . -9.69 26.68 -19.39
H1 F97 E . -6.87 20.52 -20.78
H2 F97 E . -9.89 24.10 -22.29
H3 F97 E . -6.10 24.53 -17.57
H4 F97 E . -4.89 25.48 -18.48
H5 F97 E . -3.37 24.52 -17.25
H6 F97 E . -4.54 23.31 -16.64
H7 F97 E . -4.59 22.11 -20.42
H8 F97 E . -5.50 21.72 -18.99
H9 F97 E . -7.45 27.50 -21.00
H10 F97 E . -8.49 27.68 -22.44
H11 F97 E . -3.69 16.60 -20.33
H12 F97 E . -3.07 17.98 -19.39
H13 F97 E . -3.53 18.20 -21.10
H14 F97 E . -5.21 19.12 -19.48
H15 F97 E . -5.74 16.27 -18.59
H16 F97 E . -5.25 17.67 -17.60
H17 F97 E . -6.87 17.64 -18.37
H18 F97 E . -9.07 17.65 -24.19
H19 F97 E . -7.36 15.47 -22.98
H20 F97 E . -9.48 21.92 -23.15
H21 F97 E . -10.28 26.26 -21.41
H22 F97 E . -8.47 29.46 -20.54
H23 F97 E . -9.97 28.98 -21.36
H24 F97 E . -10.59 28.28 -19.25
H26 F97 E . -8.93 26.28 -18.73
H27 F97 E . -10.66 26.26 -19.16
O1 MES F . -7.79 -5.19 -1.42
C2 MES F . -8.93 -5.04 -2.26
C3 MES F . -10.15 -4.57 -1.47
N4 MES F . -10.40 -5.50 -0.38
C5 MES F . -9.24 -5.67 0.50
C6 MES F . -8.01 -6.06 -0.31
C7 MES F . -11.59 -5.10 0.42
C8 MES F . -12.84 -5.49 -0.29
S MES F . -14.29 -4.99 0.62
O1S MES F . -14.18 -3.55 0.81
O2S MES F . -14.24 -5.75 1.87
O3S MES F . -15.42 -5.37 -0.25
H21 MES F . -9.12 -5.90 -2.67
H22 MES F . -8.73 -4.41 -2.96
H31 MES F . -10.94 -4.55 -2.03
H32 MES F . -10.01 -3.70 -1.09
HN4 MES F . -10.56 -6.27 -0.79
H51 MES F . -9.47 -6.35 1.14
H52 MES F . -9.11 -4.82 0.95
H61 MES F . -7.23 -6.04 0.28
H62 MES F . -8.11 -6.97 -0.61
H71 MES F . -11.52 -5.54 1.29
H72 MES F . -11.55 -4.14 0.56
H81 MES F . -12.90 -5.08 -1.16
H82 MES F . -12.89 -6.46 -0.41
NA NA G . -5.81 17.78 -14.87
NA NA H . 0.96 3.64 -4.17
#